data_8F7M
#
_entry.id   8F7M
#
_cell.length_a   50.942
_cell.length_b   82.174
_cell.length_c   110.833
_cell.angle_alpha   90.00
_cell.angle_beta   90.00
_cell.angle_gamma   90.00
#
_symmetry.space_group_name_H-M   'P 21 21 21'
#
loop_
_entity.id
_entity.type
_entity.pdbx_description
1 polymer 'heavy chain HLA-B*57:01'
2 polymer Beta-2-microglobulin
3 polymer 'T242N peptide (TW10 mutant)'
4 non-polymer DI(HYDROXYETHYL)ETHER
5 non-polymer 'ACETATE ION'
6 water water
#
loop_
_entity_poly.entity_id
_entity_poly.type
_entity_poly.pdbx_seq_one_letter_code
_entity_poly.pdbx_strand_id
1 'polypeptide(L)'
;GSHSMRYFYTAMSRPGRGEPRFIAVGYVDDTQFVRFDSDAASPRMAPRAPWIEQEGPEYWDGETRNMKASAQTYRENLRI
ALRYYNQSEAGSHIIQVMYGCDVGPDGRLLRGHDQSAYDGKDYIALNEDLSSWTAADTAAQITQRKWEAARVAEQLRAYL
EGLCVEWLRRYLENGKETLQRADPPKTHVTHHPISDHEATLRCWALGFYPAEITLTWQRDGEDQTQDTELVETRPAGDRT
FQKWAAVVVPSGEEQRYTCHVQHEGLPKPLTLRWEPSS
;
A
2 'polypeptide(L)'
;IQRTPKIQVYSRHPAENGKSNFLNCYVSGFHPSDIEVDLLKNGERIEKVEHSDLSFSKDWSFYLLYYTEFTPTEKDEYAC
RVNHVTLSQPKIVKWDRDM
;
B
3 'polypeptide(L)' TSNLQEQIGW C
#
loop_
_chem_comp.id
_chem_comp.type
_chem_comp.name
_chem_comp.formula
ACT non-polymer 'ACETATE ION' 'C2 H3 O2 -1'
PEG non-polymer DI(HYDROXYETHYL)ETHER 'C4 H10 O3'
#
# COMPACT_ATOMS: atom_id res chain seq x y z
N GLY A 1 15.51 0.65 -14.42
CA GLY A 1 16.00 0.04 -13.19
C GLY A 1 15.36 -1.30 -12.89
N SER A 2 15.30 -1.63 -11.61
CA SER A 2 14.66 -2.87 -11.19
C SER A 2 13.15 -2.67 -11.07
N HIS A 3 12.43 -3.79 -11.08
CA HIS A 3 10.98 -3.75 -11.05
C HIS A 3 10.47 -4.97 -10.31
N SER A 4 9.21 -4.87 -9.88
CA SER A 4 8.58 -5.95 -9.15
C SER A 4 7.13 -6.06 -9.58
N MET A 5 6.60 -7.27 -9.48
CA MET A 5 5.17 -7.54 -9.56
C MET A 5 4.74 -8.20 -8.26
N ARG A 6 3.61 -7.77 -7.71
CA ARG A 6 3.09 -8.32 -6.45
C ARG A 6 1.59 -8.53 -6.54
N TYR A 7 1.11 -9.67 -6.05
CA TYR A 7 -0.31 -9.85 -5.74
C TYR A 7 -0.48 -9.88 -4.23
N PHE A 8 -1.53 -9.22 -3.76
CA PHE A 8 -1.92 -9.15 -2.35
C PHE A 8 -3.34 -9.67 -2.21
N TYR A 9 -3.53 -10.70 -1.38
CA TYR A 9 -4.86 -11.20 -1.03
C TYR A 9 -5.18 -10.92 0.42
N THR A 10 -6.43 -10.55 0.67
CA THR A 10 -6.93 -10.38 2.03
C THR A 10 -8.26 -11.12 2.12
N ALA A 11 -8.37 -12.01 3.11
CA ALA A 11 -9.58 -12.78 3.37
C ALA A 11 -10.00 -12.48 4.81
N MET A 12 -11.28 -12.13 4.99
CA MET A 12 -11.78 -11.40 6.15
C MET A 12 -13.06 -12.08 6.61
N SER A 13 -13.02 -12.90 7.66
CA SER A 13 -14.26 -13.53 8.11
C SER A 13 -15.13 -12.53 8.89
N ARG A 14 -16.44 -12.81 8.89
CA ARG A 14 -17.43 -11.92 9.50
C ARG A 14 -18.62 -12.78 9.93
N PRO A 15 -18.44 -13.62 10.94
CA PRO A 15 -19.50 -14.55 11.34
C PRO A 15 -20.83 -13.84 11.56
N GLY A 16 -21.89 -14.42 11.00
CA GLY A 16 -23.21 -13.81 11.06
C GLY A 16 -23.49 -12.81 9.96
N ARG A 17 -22.50 -12.47 9.14
CA ARG A 17 -22.64 -11.49 8.07
C ARG A 17 -22.18 -12.07 6.74
N GLY A 18 -22.50 -13.34 6.50
CA GLY A 18 -22.17 -13.97 5.24
C GLY A 18 -20.79 -14.61 5.26
N GLU A 19 -20.35 -15.01 4.08
CA GLU A 19 -19.07 -15.65 3.92
C GLU A 19 -17.94 -14.62 3.96
N PRO A 20 -16.72 -15.06 4.24
CA PRO A 20 -15.60 -14.11 4.33
C PRO A 20 -15.40 -13.36 3.02
N ARG A 21 -15.15 -12.06 3.15
CA ARG A 21 -14.84 -11.27 1.98
C ARG A 21 -13.42 -11.57 1.51
N PHE A 22 -13.24 -11.72 0.20
CA PHE A 22 -11.94 -11.93 -0.42
C PHE A 22 -11.67 -10.78 -1.39
N ILE A 23 -10.53 -10.10 -1.16
CA ILE A 23 -10.11 -9.02 -2.06
C ILE A 23 -8.69 -9.29 -2.51
N ALA A 24 -8.43 -9.12 -3.80
CA ALA A 24 -7.10 -9.26 -4.34
C ALA A 24 -6.76 -8.00 -5.13
N VAL A 25 -5.52 -7.53 -5.02
CA VAL A 25 -5.01 -6.45 -5.86
C VAL A 25 -3.66 -6.90 -6.44
N GLY A 26 -3.36 -6.45 -7.64
CA GLY A 26 -2.05 -6.71 -8.27
C GLY A 26 -1.35 -5.39 -8.51
N TYR A 27 -0.03 -5.39 -8.31
CA TYR A 27 0.82 -4.21 -8.51
C TYR A 27 1.99 -4.55 -9.41
N VAL A 28 2.40 -3.58 -10.22
CA VAL A 28 3.75 -3.51 -10.76
C VAL A 28 4.39 -2.27 -10.15
N ASP A 29 5.51 -2.45 -9.42
CA ASP A 29 6.17 -1.33 -8.72
C ASP A 29 5.10 -0.68 -7.86
N ASP A 30 4.91 0.63 -7.93
CA ASP A 30 3.91 1.31 -7.10
C ASP A 30 2.63 1.57 -7.84
N THR A 31 2.36 0.82 -8.92
CA THR A 31 1.19 1.05 -9.76
C THR A 31 0.25 -0.14 -9.65
N GLN A 32 -0.91 0.08 -9.06
CA GLN A 32 -1.90 -0.98 -9.01
C GLN A 32 -2.46 -1.21 -10.42
N PHE A 33 -2.68 -2.47 -10.80
CA PHE A 33 -3.19 -2.69 -12.14
C PHE A 33 -4.40 -3.60 -12.24
N VAL A 34 -4.70 -4.44 -11.23
CA VAL A 34 -5.94 -5.23 -11.21
C VAL A 34 -6.50 -5.26 -9.79
N ARG A 35 -7.80 -5.57 -9.70
CA ARG A 35 -8.48 -5.81 -8.43
C ARG A 35 -9.55 -6.88 -8.60
N PHE A 36 -9.84 -7.55 -7.49
CA PHE A 36 -10.96 -8.48 -7.37
C PHE A 36 -11.58 -8.29 -6.00
N ASP A 37 -12.91 -8.25 -5.92
CA ASP A 37 -13.61 -8.08 -4.65
C ASP A 37 -14.84 -8.99 -4.66
N SER A 38 -14.87 -10.00 -3.76
CA SER A 38 -16.01 -10.90 -3.74
C SER A 38 -17.30 -10.18 -3.38
N ASP A 39 -17.22 -8.98 -2.80
CA ASP A 39 -18.42 -8.24 -2.44
C ASP A 39 -18.95 -7.39 -3.59
N ALA A 40 -18.26 -7.35 -4.73
CA ALA A 40 -18.81 -6.66 -5.89
C ALA A 40 -20.09 -7.35 -6.34
N ALA A 41 -21.01 -6.57 -6.92
CA ALA A 41 -22.26 -7.15 -7.40
C ALA A 41 -22.01 -8.29 -8.38
N SER A 42 -21.00 -8.13 -9.25
N SER A 42 -21.03 -8.11 -9.28
CA SER A 42 -20.59 -9.17 -10.19
CA SER A 42 -20.61 -9.18 -10.18
C SER A 42 -19.08 -9.32 -10.10
C SER A 42 -19.09 -9.30 -10.08
N PRO A 43 -18.59 -10.16 -9.19
CA PRO A 43 -17.14 -10.24 -8.95
C PRO A 43 -16.36 -10.67 -10.19
N ARG A 44 -15.31 -9.91 -10.49
N ARG A 44 -15.32 -9.89 -10.50
CA ARG A 44 -14.46 -10.23 -11.61
CA ARG A 44 -14.47 -10.18 -11.66
C ARG A 44 -13.11 -9.58 -11.39
C ARG A 44 -13.11 -9.55 -11.41
N MET A 45 -12.06 -10.17 -11.95
CA MET A 45 -10.80 -9.46 -12.00
C MET A 45 -11.00 -8.29 -12.95
N ALA A 46 -10.68 -7.08 -12.48
CA ALA A 46 -11.02 -5.83 -13.16
C ALA A 46 -9.77 -5.00 -13.38
N PRO A 47 -9.68 -4.27 -14.50
CA PRO A 47 -8.51 -3.43 -14.76
C PRO A 47 -8.48 -2.19 -13.87
N ARG A 48 -7.26 -1.83 -13.44
CA ARG A 48 -7.10 -0.59 -12.68
C ARG A 48 -5.98 0.29 -13.23
N ALA A 49 -5.41 -0.07 -14.38
CA ALA A 49 -4.40 0.76 -15.03
C ALA A 49 -4.65 0.67 -16.53
N PRO A 50 -4.32 1.73 -17.29
CA PRO A 50 -4.71 1.73 -18.72
C PRO A 50 -4.04 0.65 -19.54
N TRP A 51 -2.81 0.27 -19.22
CA TRP A 51 -2.05 -0.63 -20.08
C TRP A 51 -2.43 -2.09 -19.92
N ILE A 52 -3.26 -2.43 -18.92
CA ILE A 52 -3.77 -3.80 -18.83
C ILE A 52 -5.06 -3.99 -19.61
N GLU A 53 -5.73 -2.91 -20.00
CA GLU A 53 -7.05 -3.06 -20.61
C GLU A 53 -6.95 -3.80 -21.94
N GLN A 54 -5.80 -3.70 -22.61
CA GLN A 54 -5.64 -4.38 -23.88
C GLN A 54 -5.60 -5.90 -23.75
N GLU A 55 -5.48 -6.46 -22.55
CA GLU A 55 -5.54 -7.92 -22.45
C GLU A 55 -6.93 -8.40 -22.86
N GLY A 56 -6.96 -9.55 -23.56
CA GLY A 56 -8.18 -10.04 -24.17
C GLY A 56 -9.10 -10.71 -23.17
N PRO A 57 -10.30 -11.09 -23.65
CA PRO A 57 -11.28 -11.70 -22.74
C PRO A 57 -10.82 -13.01 -22.13
N GLU A 58 -9.94 -13.74 -22.81
CA GLU A 58 -9.40 -14.96 -22.24
C GLU A 58 -8.60 -14.65 -20.98
N TYR A 59 -7.81 -13.58 -21.00
CA TYR A 59 -7.08 -13.13 -19.82
C TYR A 59 -8.03 -12.86 -18.66
N TRP A 60 -9.05 -12.03 -18.89
CA TRP A 60 -9.92 -11.62 -17.80
C TRP A 60 -10.74 -12.77 -17.27
N ASP A 61 -11.17 -13.68 -18.16
CA ASP A 61 -11.93 -14.82 -17.71
C ASP A 61 -11.06 -15.77 -16.89
N GLY A 62 -9.82 -16.01 -17.33
CA GLY A 62 -8.93 -16.86 -16.57
C GLY A 62 -8.58 -16.27 -15.22
N GLU A 63 -8.34 -14.96 -15.16
CA GLU A 63 -8.03 -14.33 -13.88
C GLU A 63 -9.22 -14.36 -12.94
N THR A 64 -10.42 -14.12 -13.46
CA THR A 64 -11.61 -14.17 -12.64
C THR A 64 -11.82 -15.57 -12.06
N ARG A 65 -11.66 -16.60 -12.89
N ARG A 65 -11.69 -16.60 -12.90
CA ARG A 65 -11.84 -17.97 -12.39
CA ARG A 65 -11.81 -17.98 -12.44
C ARG A 65 -10.81 -18.30 -11.32
C ARG A 65 -10.81 -18.26 -11.31
N ASN A 66 -9.57 -17.80 -11.49
CA ASN A 66 -8.55 -18.06 -10.50
C ASN A 66 -8.86 -17.37 -9.17
N MET A 67 -9.37 -16.13 -9.21
CA MET A 67 -9.67 -15.46 -7.95
C MET A 67 -10.87 -16.07 -7.26
N LYS A 68 -11.85 -16.57 -8.02
N LYS A 68 -11.85 -16.58 -8.01
CA LYS A 68 -12.93 -17.31 -7.39
CA LYS A 68 -12.94 -17.30 -7.39
C LYS A 68 -12.41 -18.56 -6.71
C LYS A 68 -12.41 -18.57 -6.71
N ALA A 69 -11.48 -19.26 -7.37
CA ALA A 69 -10.86 -20.44 -6.76
C ALA A 69 -10.10 -20.05 -5.49
N SER A 70 -9.34 -18.96 -5.54
CA SER A 70 -8.59 -18.50 -4.37
C SER A 70 -9.54 -18.10 -3.25
N ALA A 71 -10.63 -17.40 -3.59
CA ALA A 71 -11.59 -17.03 -2.55
C ALA A 71 -12.09 -18.27 -1.82
N GLN A 72 -12.38 -19.34 -2.55
N GLN A 72 -12.40 -19.34 -2.55
CA GLN A 72 -12.86 -20.56 -1.90
CA GLN A 72 -12.87 -20.55 -1.87
C GLN A 72 -11.77 -21.18 -1.03
C GLN A 72 -11.76 -21.17 -1.02
N THR A 73 -10.54 -21.20 -1.53
CA THR A 73 -9.44 -21.78 -0.75
C THR A 73 -9.21 -21.00 0.54
N TYR A 74 -9.28 -19.66 0.49
CA TYR A 74 -8.95 -18.88 1.67
C TYR A 74 -10.11 -18.83 2.66
N ARG A 75 -11.33 -19.00 2.17
CA ARG A 75 -12.45 -19.22 3.08
C ARG A 75 -12.25 -20.51 3.88
N GLU A 76 -11.81 -21.57 3.19
CA GLU A 76 -11.49 -22.81 3.89
C GLU A 76 -10.29 -22.63 4.82
N ASN A 77 -9.28 -21.87 4.40
CA ASN A 77 -8.13 -21.68 5.29
C ASN A 77 -8.51 -20.95 6.56
N LEU A 78 -9.44 -19.99 6.47
CA LEU A 78 -9.89 -19.32 7.69
C LEU A 78 -10.52 -20.32 8.67
N ARG A 79 -11.30 -21.28 8.16
CA ARG A 79 -11.88 -22.30 9.02
C ARG A 79 -10.80 -23.18 9.62
N ILE A 80 -9.82 -23.56 8.80
CA ILE A 80 -8.71 -24.38 9.29
C ILE A 80 -7.94 -23.64 10.38
N ALA A 81 -7.70 -22.33 10.19
CA ALA A 81 -6.90 -21.59 11.18
C ALA A 81 -7.58 -21.59 12.55
N LEU A 82 -8.92 -21.51 12.58
CA LEU A 82 -9.65 -21.60 13.84
C LEU A 82 -9.32 -22.89 14.57
N ARG A 83 -9.28 -24.01 13.84
CA ARG A 83 -8.93 -25.27 14.47
C ARG A 83 -7.49 -25.25 14.97
N TYR A 84 -6.56 -24.69 14.17
CA TYR A 84 -5.15 -24.71 14.54
C TYR A 84 -4.86 -23.87 15.77
N TYR A 85 -5.65 -22.82 16.02
CA TYR A 85 -5.41 -21.91 17.13
C TYR A 85 -6.44 -22.07 18.24
N ASN A 86 -7.28 -23.10 18.17
CA ASN A 86 -8.32 -23.38 19.16
C ASN A 86 -9.27 -22.20 19.36
N GLN A 87 -9.68 -21.56 18.27
CA GLN A 87 -10.48 -20.34 18.34
C GLN A 87 -11.97 -20.60 18.07
N SER A 88 -12.82 -19.72 18.59
CA SER A 88 -14.24 -19.96 18.39
C SER A 88 -14.67 -19.49 17.00
N GLU A 89 -15.83 -19.99 16.58
CA GLU A 89 -16.44 -19.60 15.31
C GLU A 89 -17.13 -18.23 15.40
N ALA A 90 -17.04 -17.54 16.54
CA ALA A 90 -17.76 -16.27 16.67
C ALA A 90 -16.91 -15.04 16.32
N GLY A 91 -15.60 -15.17 16.24
CA GLY A 91 -14.77 -14.01 16.01
C GLY A 91 -14.42 -13.79 14.53
N SER A 92 -14.01 -12.57 14.23
N SER A 92 -14.02 -12.57 14.23
CA SER A 92 -13.60 -12.19 12.89
CA SER A 92 -13.61 -12.19 12.88
C SER A 92 -12.08 -12.24 12.79
C SER A 92 -12.09 -12.27 12.79
N HIS A 93 -11.59 -12.89 11.72
CA HIS A 93 -10.17 -13.11 11.54
C HIS A 93 -9.77 -12.76 10.11
N ILE A 94 -8.47 -12.60 9.88
CA ILE A 94 -7.95 -12.16 8.60
C ILE A 94 -6.76 -13.03 8.20
N ILE A 95 -6.78 -13.52 6.97
CA ILE A 95 -5.59 -14.09 6.34
C ILE A 95 -5.12 -13.10 5.27
N GLN A 96 -3.81 -12.84 5.25
CA GLN A 96 -3.22 -12.04 4.19
C GLN A 96 -2.12 -12.82 3.49
N VAL A 97 -1.97 -12.56 2.18
CA VAL A 97 -0.96 -13.22 1.36
C VAL A 97 -0.34 -12.18 0.45
N MET A 98 0.98 -12.26 0.29
CA MET A 98 1.74 -11.45 -0.64
C MET A 98 2.66 -12.38 -1.41
N TYR A 99 2.70 -12.26 -2.75
CA TYR A 99 3.68 -13.03 -3.52
C TYR A 99 4.03 -12.27 -4.79
N GLY A 100 5.17 -12.64 -5.38
CA GLY A 100 5.59 -12.02 -6.63
C GLY A 100 7.08 -12.16 -6.85
N CYS A 101 7.55 -11.42 -7.85
CA CYS A 101 8.93 -11.53 -8.31
C CYS A 101 9.53 -10.14 -8.46
N ASP A 102 10.85 -10.05 -8.23
CA ASP A 102 11.65 -8.85 -8.49
C ASP A 102 12.59 -9.16 -9.65
N VAL A 103 12.78 -8.21 -10.56
CA VAL A 103 13.69 -8.41 -11.68
C VAL A 103 14.64 -7.22 -11.75
N GLY A 104 15.83 -7.46 -12.30
CA GLY A 104 16.79 -6.41 -12.52
C GLY A 104 16.57 -5.70 -13.84
N PRO A 105 17.42 -4.71 -14.14
CA PRO A 105 17.24 -3.91 -15.38
C PRO A 105 17.17 -4.75 -16.66
N ASP A 106 17.82 -5.90 -16.67
CA ASP A 106 17.82 -6.79 -17.82
C ASP A 106 16.70 -7.82 -17.77
N GLY A 107 15.76 -7.69 -16.84
CA GLY A 107 14.63 -8.58 -16.80
C GLY A 107 14.88 -9.93 -16.18
N ARG A 108 16.06 -10.18 -15.60
CA ARG A 108 16.27 -11.47 -14.95
C ARG A 108 15.79 -11.45 -13.50
N LEU A 109 15.33 -12.61 -13.05
CA LEU A 109 14.84 -12.77 -11.69
C LEU A 109 15.91 -12.44 -10.68
N LEU A 110 15.59 -11.54 -9.74
CA LEU A 110 16.45 -11.25 -8.60
C LEU A 110 16.09 -12.05 -7.37
N ARG A 111 14.78 -12.19 -7.12
CA ARG A 111 14.19 -12.67 -5.87
CA ARG A 111 14.19 -12.67 -5.88
C ARG A 111 12.72 -13.00 -6.12
N GLY A 112 12.27 -14.13 -5.56
CA GLY A 112 10.84 -14.44 -5.52
C GLY A 112 10.32 -14.34 -4.10
N HIS A 113 9.00 -14.20 -3.93
CA HIS A 113 8.40 -13.95 -2.62
C HIS A 113 7.10 -14.72 -2.53
N ASP A 114 6.82 -15.33 -1.38
CA ASP A 114 5.46 -15.82 -1.11
C ASP A 114 5.28 -15.96 0.39
N GLN A 115 4.53 -15.04 0.99
CA GLN A 115 4.39 -14.96 2.45
C GLN A 115 2.93 -14.83 2.83
N SER A 116 2.58 -15.38 3.99
CA SER A 116 1.22 -15.32 4.49
C SER A 116 1.21 -14.89 5.95
N ALA A 117 0.08 -14.31 6.35
CA ALA A 117 -0.09 -13.83 7.71
C ALA A 117 -1.47 -14.24 8.21
N TYR A 118 -1.58 -14.43 9.52
CA TYR A 118 -2.88 -14.66 10.15
C TYR A 118 -3.07 -13.61 11.23
N ASP A 119 -4.18 -12.86 11.13
CA ASP A 119 -4.49 -11.78 12.08
C ASP A 119 -3.32 -10.80 12.24
N GLY A 120 -2.70 -10.46 11.11
CA GLY A 120 -1.65 -9.45 11.05
C GLY A 120 -0.28 -9.92 11.49
N LYS A 121 -0.13 -11.21 11.81
CA LYS A 121 1.15 -11.75 12.23
C LYS A 121 1.63 -12.77 11.22
N ASP A 122 2.95 -12.78 10.98
CA ASP A 122 3.54 -13.75 10.07
C ASP A 122 3.09 -15.16 10.39
N TYR A 123 2.78 -15.91 9.35
CA TYR A 123 2.34 -17.29 9.51
C TYR A 123 3.32 -18.25 8.86
N ILE A 124 3.50 -18.18 7.55
CA ILE A 124 4.47 -19.02 6.86
C ILE A 124 5.00 -18.24 5.67
N ALA A 125 6.28 -18.47 5.33
CA ALA A 125 6.91 -17.76 4.22
C ALA A 125 7.78 -18.73 3.45
N LEU A 126 7.74 -18.61 2.12
CA LEU A 126 8.70 -19.33 1.29
C LEU A 126 10.06 -18.66 1.42
N ASN A 127 11.10 -19.43 1.69
CA ASN A 127 12.42 -18.84 1.82
C ASN A 127 12.97 -18.40 0.47
N GLU A 128 14.06 -17.60 0.51
CA GLU A 128 14.64 -17.06 -0.72
C GLU A 128 15.08 -18.16 -1.69
N ASP A 129 15.41 -19.35 -1.19
CA ASP A 129 15.76 -20.47 -2.09
C ASP A 129 14.57 -20.97 -2.91
N LEU A 130 13.35 -20.49 -2.64
CA LEU A 130 12.15 -20.97 -3.33
C LEU A 130 11.98 -22.48 -3.22
N SER A 131 12.53 -23.07 -2.16
CA SER A 131 12.35 -24.50 -1.98
C SER A 131 12.09 -24.94 -0.55
N SER A 132 12.28 -24.10 0.46
CA SER A 132 11.99 -24.45 1.84
C SER A 132 11.12 -23.34 2.46
N TRP A 133 10.60 -23.63 3.66
CA TRP A 133 9.60 -22.79 4.31
C TRP A 133 10.07 -22.36 5.69
N THR A 134 9.64 -21.18 6.12
CA THR A 134 9.79 -20.75 7.51
C THR A 134 8.40 -20.58 8.10
N ALA A 135 8.10 -21.36 9.12
CA ALA A 135 6.82 -21.31 9.82
C ALA A 135 6.97 -20.56 11.14
N ALA A 136 6.00 -19.71 11.45
CA ALA A 136 6.12 -18.82 12.60
C ALA A 136 5.84 -19.51 13.92
N ASP A 137 5.07 -20.59 13.93
CA ASP A 137 4.61 -21.18 15.18
C ASP A 137 4.20 -22.61 14.90
N THR A 138 3.72 -23.32 15.95
CA THR A 138 3.41 -24.73 15.77
C THR A 138 2.18 -24.97 14.90
N ALA A 139 1.30 -23.97 14.75
CA ALA A 139 0.18 -24.11 13.83
C ALA A 139 0.68 -24.08 12.38
N ALA A 140 1.47 -23.06 12.04
CA ALA A 140 2.05 -22.97 10.70
C ALA A 140 2.96 -24.15 10.38
N GLN A 141 3.52 -24.83 11.39
CA GLN A 141 4.28 -26.04 11.11
C GLN A 141 3.41 -27.16 10.54
N ILE A 142 2.12 -27.20 10.89
N ILE A 142 2.12 -27.16 10.86
CA ILE A 142 1.24 -28.18 10.27
CA ILE A 142 1.21 -28.17 10.31
C ILE A 142 1.10 -27.90 8.79
C ILE A 142 1.00 -27.91 8.82
N THR A 143 0.78 -26.65 8.44
CA THR A 143 0.76 -26.26 7.05
C THR A 143 2.08 -26.59 6.36
N GLN A 144 3.20 -26.27 7.02
CA GLN A 144 4.52 -26.58 6.44
C GLN A 144 4.64 -28.06 6.08
N ARG A 145 4.27 -28.94 7.03
CA ARG A 145 4.35 -30.37 6.74
C ARG A 145 3.47 -30.75 5.57
N LYS A 146 2.25 -30.21 5.53
N LYS A 146 2.25 -30.19 5.51
CA LYS A 146 1.32 -30.43 4.43
CA LYS A 146 1.36 -30.50 4.40
C LYS A 146 1.93 -29.99 3.10
C LYS A 146 1.92 -29.98 3.07
N TRP A 147 2.53 -28.79 3.08
CA TRP A 147 3.08 -28.27 1.83
C TRP A 147 4.37 -28.98 1.44
N GLU A 148 5.16 -29.41 2.41
CA GLU A 148 6.34 -30.22 2.09
C GLU A 148 5.91 -31.56 1.49
N ALA A 149 4.86 -32.17 2.02
CA ALA A 149 4.41 -33.47 1.51
C ALA A 149 3.92 -33.35 0.07
N ALA A 150 3.21 -32.27 -0.25
CA ALA A 150 2.63 -32.07 -1.56
C ALA A 150 3.57 -31.32 -2.52
N ARG A 151 4.78 -31.01 -2.09
CA ARG A 151 5.76 -30.31 -2.92
C ARG A 151 5.18 -29.02 -3.51
N VAL A 152 4.57 -28.23 -2.62
CA VAL A 152 3.98 -26.96 -3.01
C VAL A 152 5.05 -25.96 -3.45
N ALA A 153 6.23 -25.98 -2.82
CA ALA A 153 7.25 -25.00 -3.18
C ALA A 153 7.70 -25.15 -4.63
N GLU A 154 7.70 -26.38 -5.13
CA GLU A 154 8.15 -26.60 -6.50
CA GLU A 154 8.14 -26.62 -6.51
C GLU A 154 7.23 -25.92 -7.50
N GLN A 155 5.92 -25.89 -7.21
CA GLN A 155 4.97 -25.20 -8.07
C GLN A 155 5.15 -23.70 -7.98
N LEU A 156 5.30 -23.15 -6.76
CA LEU A 156 5.60 -21.73 -6.62
C LEU A 156 6.86 -21.34 -7.33
N ARG A 157 7.93 -22.12 -7.16
CA ARG A 157 9.20 -21.77 -7.80
C ARG A 157 9.03 -21.69 -9.31
N ALA A 158 8.33 -22.66 -9.89
CA ALA A 158 8.10 -22.63 -11.33
C ALA A 158 7.34 -21.38 -11.74
N TYR A 159 6.31 -21.01 -10.98
CA TYR A 159 5.57 -19.77 -11.24
C TYR A 159 6.49 -18.57 -11.11
N LEU A 160 7.22 -18.46 -9.99
CA LEU A 160 7.97 -17.24 -9.72
C LEU A 160 9.10 -17.03 -10.73
N GLU A 161 9.74 -18.13 -11.16
CA GLU A 161 10.85 -18.01 -12.10
C GLU A 161 10.38 -17.94 -13.54
N GLY A 162 9.13 -18.28 -13.80
CA GLY A 162 8.64 -18.37 -15.16
C GLY A 162 7.56 -17.37 -15.50
N LEU A 163 6.30 -17.76 -15.32
CA LEU A 163 5.19 -16.89 -15.68
C LEU A 163 5.26 -15.53 -14.99
N CYS A 164 5.64 -15.50 -13.71
CA CYS A 164 5.71 -14.22 -13.00
C CYS A 164 6.67 -13.27 -13.71
N VAL A 165 7.88 -13.74 -14.02
CA VAL A 165 8.87 -12.89 -14.66
C VAL A 165 8.45 -12.57 -16.10
N GLU A 166 7.84 -13.53 -16.79
CA GLU A 166 7.47 -13.30 -18.19
CA GLU A 166 7.47 -13.32 -18.18
C GLU A 166 6.31 -12.31 -18.30
N TRP A 167 5.32 -12.41 -17.41
CA TRP A 167 4.23 -11.44 -17.46
C TRP A 167 4.66 -10.05 -16.99
N LEU A 168 5.55 -10.00 -15.99
CA LEU A 168 6.08 -8.70 -15.59
C LEU A 168 6.80 -8.03 -16.74
N ARG A 169 7.62 -8.79 -17.48
CA ARG A 169 8.30 -8.22 -18.64
CA ARG A 169 8.29 -8.23 -18.65
C ARG A 169 7.30 -7.69 -19.66
N ARG A 170 6.21 -8.42 -19.89
CA ARG A 170 5.19 -7.98 -20.84
CA ARG A 170 5.20 -7.97 -20.84
C ARG A 170 4.50 -6.71 -20.35
N TYR A 171 4.12 -6.66 -19.07
CA TYR A 171 3.45 -5.48 -18.53
C TYR A 171 4.38 -4.26 -18.59
N LEU A 172 5.66 -4.47 -18.29
CA LEU A 172 6.60 -3.35 -18.32
C LEU A 172 6.73 -2.79 -19.72
N GLU A 173 6.65 -3.64 -20.74
CA GLU A 173 6.70 -3.15 -22.11
C GLU A 173 5.39 -2.47 -22.49
N ASN A 174 4.27 -3.09 -22.18
CA ASN A 174 2.98 -2.50 -22.53
C ASN A 174 2.76 -1.18 -21.82
N GLY A 175 3.27 -1.04 -20.60
CA GLY A 175 3.07 0.19 -19.86
C GLY A 175 4.33 1.03 -19.75
N LYS A 176 5.22 0.92 -20.74
CA LYS A 176 6.55 1.52 -20.59
C LYS A 176 6.51 3.04 -20.45
N GLU A 177 5.51 3.70 -21.06
CA GLU A 177 5.48 5.16 -20.94
C GLU A 177 5.23 5.63 -19.51
N THR A 178 4.65 4.80 -18.65
CA THR A 178 4.46 5.15 -17.24
C THR A 178 5.29 4.28 -16.31
N LEU A 179 5.26 2.95 -16.48
CA LEU A 179 5.98 2.08 -15.55
C LEU A 179 7.49 2.30 -15.62
N GLN A 180 8.01 2.67 -16.80
CA GLN A 180 9.44 2.90 -16.96
C GLN A 180 9.78 4.39 -17.04
N ARG A 181 8.94 5.25 -16.47
CA ARG A 181 9.23 6.68 -16.38
C ARG A 181 9.28 7.08 -14.91
N ALA A 182 10.43 7.57 -14.46
CA ALA A 182 10.53 8.19 -13.14
C ALA A 182 10.16 9.66 -13.24
N ASP A 183 9.26 10.12 -12.36
CA ASP A 183 8.92 11.56 -12.26
C ASP A 183 9.67 12.14 -11.05
N PRO A 184 10.60 13.07 -11.23
CA PRO A 184 11.39 13.54 -10.09
C PRO A 184 10.53 14.40 -9.17
N PRO A 185 10.92 14.54 -7.91
CA PRO A 185 10.15 15.41 -7.03
C PRO A 185 10.35 16.87 -7.42
N LYS A 186 9.27 17.63 -7.30
CA LYS A 186 9.33 19.08 -7.25
C LYS A 186 9.52 19.46 -5.78
N THR A 187 10.54 20.25 -5.48
CA THR A 187 10.94 20.46 -4.10
C THR A 187 10.96 21.94 -3.75
N HIS A 188 10.63 22.24 -2.49
CA HIS A 188 10.81 23.59 -1.96
C HIS A 188 10.83 23.51 -0.43
N VAL A 189 11.31 24.59 0.20
CA VAL A 189 11.43 24.68 1.65
C VAL A 189 10.53 25.80 2.15
N THR A 190 9.70 25.51 3.15
CA THR A 190 8.87 26.54 3.78
C THR A 190 9.33 26.79 5.22
N HIS A 191 8.90 27.94 5.75
CA HIS A 191 9.35 28.47 7.03
C HIS A 191 8.10 28.90 7.80
N HIS A 192 7.97 28.44 9.03
CA HIS A 192 6.81 28.78 9.87
C HIS A 192 7.32 29.16 11.26
N PRO A 193 7.26 30.43 11.65
CA PRO A 193 7.60 30.80 13.03
C PRO A 193 6.70 30.07 14.02
N ILE A 194 7.32 29.52 15.06
CA ILE A 194 6.60 28.97 16.20
C ILE A 194 6.52 29.97 17.35
N SER A 195 7.62 30.67 17.61
CA SER A 195 7.70 31.59 18.73
C SER A 195 8.77 32.62 18.37
N ASP A 196 9.07 33.51 19.32
CA ASP A 196 10.21 34.40 19.12
C ASP A 196 11.51 33.64 18.96
N HIS A 197 11.58 32.42 19.48
CA HIS A 197 12.85 31.74 19.62
C HIS A 197 13.07 30.64 18.59
N GLU A 198 12.03 30.16 17.92
CA GLU A 198 12.12 28.99 17.07
C GLU A 198 11.20 29.14 15.86
N ALA A 199 11.56 28.43 14.79
CA ALA A 199 10.74 28.33 13.59
C ALA A 199 10.90 26.92 13.02
N THR A 200 9.89 26.50 12.25
CA THR A 200 9.91 25.22 11.55
CA THR A 200 9.95 25.22 11.55
C THR A 200 10.39 25.44 10.12
N LEU A 201 11.34 24.63 9.69
CA LEU A 201 11.74 24.55 8.29
C LEU A 201 11.17 23.23 7.79
N ARG A 202 10.37 23.27 6.73
CA ARG A 202 9.73 22.08 6.20
C ARG A 202 10.16 21.91 4.76
N CYS A 203 10.78 20.77 4.46
CA CYS A 203 11.29 20.46 3.13
C CYS A 203 10.28 19.57 2.42
N TRP A 204 9.77 20.03 1.28
CA TRP A 204 8.68 19.39 0.56
C TRP A 204 9.17 18.66 -0.68
N ALA A 205 8.59 17.49 -0.96
CA ALA A 205 8.80 16.75 -2.20
C ALA A 205 7.44 16.33 -2.74
N LEU A 206 7.11 16.75 -3.96
CA LEU A 206 5.79 16.59 -4.53
C LEU A 206 5.89 16.01 -5.93
N GLY A 207 4.86 15.27 -6.32
CA GLY A 207 4.68 14.83 -7.70
C GLY A 207 5.68 13.81 -8.19
N PHE A 208 6.24 13.00 -7.31
CA PHE A 208 7.29 12.08 -7.72
C PHE A 208 6.76 10.64 -7.87
N TYR A 209 7.46 9.87 -8.71
CA TYR A 209 7.16 8.48 -8.96
C TYR A 209 8.50 7.84 -9.34
N PRO A 210 8.86 6.69 -8.74
CA PRO A 210 8.08 5.89 -7.79
C PRO A 210 8.11 6.48 -6.38
N ALA A 211 7.55 5.77 -5.39
CA ALA A 211 7.37 6.33 -4.05
C ALA A 211 8.69 6.43 -3.29
N GLU A 212 9.64 5.55 -3.58
CA GLU A 212 10.92 5.54 -2.85
C GLU A 212 11.62 6.88 -2.98
N ILE A 213 11.98 7.45 -1.83
CA ILE A 213 12.62 8.76 -1.78
C ILE A 213 13.31 8.85 -0.44
N THR A 214 14.35 9.68 -0.37
CA THR A 214 15.02 10.00 0.89
C THR A 214 15.03 11.52 1.05
N LEU A 215 14.51 11.98 2.18
CA LEU A 215 14.53 13.39 2.57
C LEU A 215 15.23 13.50 3.92
N THR A 216 16.28 14.30 4.00
CA THR A 216 16.98 14.44 5.27
C THR A 216 17.28 15.90 5.52
N TRP A 217 17.36 16.26 6.80
CA TRP A 217 17.84 17.57 7.20
C TRP A 217 19.22 17.42 7.81
N GLN A 218 20.14 18.31 7.41
CA GLN A 218 21.44 18.41 8.05
C GLN A 218 21.55 19.76 8.74
N ARG A 219 22.26 19.79 9.87
CA ARG A 219 22.70 21.06 10.46
C ARG A 219 24.22 21.05 10.52
N ASP A 220 24.86 22.07 9.92
CA ASP A 220 26.31 22.11 9.79
C ASP A 220 26.82 20.79 9.22
N GLY A 221 26.08 20.24 8.25
CA GLY A 221 26.44 19.01 7.58
C GLY A 221 26.23 17.74 8.38
N GLU A 222 25.72 17.83 9.60
CA GLU A 222 25.42 16.67 10.43
C GLU A 222 23.94 16.30 10.31
N ASP A 223 23.67 15.04 9.97
CA ASP A 223 22.29 14.56 9.85
C ASP A 223 21.52 14.78 11.14
N GLN A 224 20.30 15.28 11.01
CA GLN A 224 19.45 15.57 12.16
C GLN A 224 18.41 14.47 12.36
N THR A 225 18.86 13.21 12.38
CA THR A 225 17.94 12.08 12.42
C THR A 225 16.94 12.19 13.57
N GLN A 226 17.43 12.30 14.81
CA GLN A 226 16.53 12.28 15.95
C GLN A 226 15.60 13.48 16.02
N ASP A 227 15.96 14.62 15.41
CA ASP A 227 15.20 15.85 15.56
C ASP A 227 14.38 16.21 14.31
N THR A 228 14.26 15.31 13.35
CA THR A 228 13.49 15.56 12.15
C THR A 228 12.13 14.86 12.26
N GLU A 229 11.06 15.59 11.95
CA GLU A 229 9.74 14.98 11.81
C GLU A 229 9.54 14.58 10.35
N LEU A 230 9.28 13.31 10.11
CA LEU A 230 9.19 12.76 8.76
C LEU A 230 7.80 12.15 8.59
N VAL A 231 6.95 12.72 7.72
CA VAL A 231 5.65 12.08 7.49
C VAL A 231 5.81 10.90 6.55
N GLU A 232 4.90 9.95 6.67
CA GLU A 232 4.91 8.81 5.75
C GLU A 232 4.61 9.28 4.34
N THR A 233 5.34 8.70 3.37
CA THR A 233 5.11 8.98 1.97
C THR A 233 3.65 8.67 1.63
N ARG A 234 3.00 9.57 0.91
CA ARG A 234 1.56 9.51 0.75
C ARG A 234 1.16 9.70 -0.70
N PRO A 235 0.10 9.04 -1.14
CA PRO A 235 -0.29 9.13 -2.55
C PRO A 235 -1.08 10.42 -2.82
N ALA A 236 -0.78 11.04 -3.95
CA ALA A 236 -1.48 12.25 -4.36
C ALA A 236 -2.81 11.93 -5.05
N GLY A 237 -2.97 10.73 -5.57
CA GLY A 237 -4.14 10.35 -6.33
C GLY A 237 -3.98 10.42 -7.84
N ASP A 238 -2.84 10.92 -8.34
CA ASP A 238 -2.60 11.03 -9.78
C ASP A 238 -1.42 10.18 -10.24
N ARG A 239 -1.00 9.20 -9.43
CA ARG A 239 0.02 8.19 -9.72
C ARG A 239 1.14 8.55 -8.77
N THR A 240 1.26 9.85 -8.46
CA THR A 240 2.48 10.36 -7.83
C THR A 240 2.33 10.37 -6.30
N PHE A 241 3.44 10.65 -5.63
CA PHE A 241 3.54 10.62 -4.18
C PHE A 241 4.04 11.96 -3.67
N GLN A 242 3.88 12.15 -2.34
CA GLN A 242 4.25 13.36 -1.64
C GLN A 242 4.96 12.99 -0.35
N LYS A 243 5.86 13.86 0.10
CA LYS A 243 6.51 13.66 1.40
C LYS A 243 7.05 14.99 1.89
N TRP A 244 7.14 15.15 3.21
CA TRP A 244 7.91 16.25 3.77
C TRP A 244 8.66 15.83 5.02
N ALA A 245 9.66 16.62 5.35
CA ALA A 245 10.51 16.47 6.51
C ALA A 245 10.67 17.84 7.15
N ALA A 246 10.55 17.92 8.47
CA ALA A 246 10.57 19.21 9.13
C ALA A 246 11.52 19.20 10.32
N VAL A 247 12.14 20.36 10.58
CA VAL A 247 12.98 20.54 11.75
C VAL A 247 12.62 21.87 12.40
N VAL A 248 12.75 21.90 13.73
CA VAL A 248 12.55 23.13 14.49
C VAL A 248 13.91 23.75 14.74
N VAL A 249 14.07 25.00 14.31
CA VAL A 249 15.39 25.61 14.29
C VAL A 249 15.39 26.90 15.11
N PRO A 250 16.51 27.23 15.75
CA PRO A 250 16.58 28.52 16.45
C PRO A 250 16.51 29.68 15.47
N SER A 251 15.77 30.72 15.85
CA SER A 251 15.66 31.92 15.02
C SER A 251 17.04 32.43 14.65
N GLY A 252 17.19 32.83 13.39
CA GLY A 252 18.45 33.31 12.88
C GLY A 252 19.42 32.24 12.43
N GLU A 253 19.24 30.98 12.86
CA GLU A 253 20.16 29.91 12.48
C GLU A 253 19.72 29.15 11.23
N GLU A 254 18.76 29.69 10.47
CA GLU A 254 18.15 28.94 9.37
C GLU A 254 19.18 28.44 8.37
N GLN A 255 20.23 29.22 8.16
CA GLN A 255 21.16 28.92 7.07
C GLN A 255 22.18 27.85 7.44
N ARG A 256 22.21 27.40 8.69
CA ARG A 256 23.01 26.23 9.04
C ARG A 256 22.36 24.93 8.63
N TYR A 257 21.11 24.99 8.16
CA TYR A 257 20.31 23.81 7.86
C TYR A 257 20.19 23.61 6.36
N THR A 258 20.35 22.36 5.91
CA THR A 258 20.19 22.03 4.51
C THR A 258 19.35 20.78 4.37
N CYS A 259 18.49 20.79 3.35
CA CYS A 259 17.64 19.65 3.04
C CYS A 259 18.24 18.89 1.87
N HIS A 260 18.28 17.56 2.00
CA HIS A 260 18.90 16.70 1.00
C HIS A 260 17.86 15.71 0.46
N VAL A 261 17.72 15.68 -0.86
CA VAL A 261 16.70 14.88 -1.54
C VAL A 261 17.39 13.89 -2.47
N GLN A 262 17.04 12.61 -2.32
CA GLN A 262 17.49 11.56 -3.23
C GLN A 262 16.27 10.87 -3.82
N HIS A 263 16.27 10.70 -5.15
CA HIS A 263 15.18 10.04 -5.85
C HIS A 263 15.73 9.48 -7.16
N GLU A 264 15.17 8.35 -7.57
CA GLU A 264 15.53 7.71 -8.85
C GLU A 264 15.49 8.69 -10.02
N GLY A 265 14.54 9.62 -9.99
CA GLY A 265 14.35 10.57 -11.07
C GLY A 265 15.33 11.72 -11.09
N LEU A 266 16.21 11.84 -10.07
CA LEU A 266 17.16 12.93 -10.01
C LEU A 266 18.53 12.43 -10.44
N PRO A 267 19.15 13.08 -11.46
CA PRO A 267 20.53 12.72 -11.83
C PRO A 267 21.50 12.82 -10.67
N LYS A 268 21.41 13.90 -9.89
CA LYS A 268 22.21 14.08 -8.68
C LYS A 268 21.30 14.46 -7.53
N PRO A 269 21.67 14.07 -6.30
CA PRO A 269 20.87 14.47 -5.15
C PRO A 269 20.83 15.98 -5.02
N LEU A 270 19.73 16.49 -4.49
CA LEU A 270 19.51 17.92 -4.34
C LEU A 270 19.81 18.37 -2.92
N THR A 271 20.42 19.55 -2.82
CA THR A 271 20.59 20.24 -1.56
C THR A 271 19.75 21.51 -1.64
N LEU A 272 18.83 21.66 -0.70
CA LEU A 272 17.94 22.82 -0.65
C LEU A 272 18.14 23.55 0.67
N ARG A 273 17.87 24.84 0.67
CA ARG A 273 17.82 25.60 1.90
C ARG A 273 16.71 26.62 1.79
N TRP A 274 16.32 27.17 2.92
CA TRP A 274 15.28 28.19 2.88
C TRP A 274 15.85 29.47 2.27
N GLU A 275 15.08 30.03 1.33
CA GLU A 275 15.51 31.14 0.50
C GLU A 275 14.40 32.19 0.58
N PRO A 276 14.48 33.09 1.59
CA PRO A 276 13.47 34.11 1.91
C PRO A 276 13.15 35.02 0.73
N ILE B 1 -2.25 -7.36 18.74
CA ILE B 1 -3.23 -7.85 17.78
C ILE B 1 -3.85 -6.73 16.93
N GLN B 2 -3.87 -5.49 17.43
CA GLN B 2 -4.57 -4.38 16.77
C GLN B 2 -3.69 -3.14 16.66
N ARG B 3 -3.80 -2.43 15.54
CA ARG B 3 -2.98 -1.26 15.25
C ARG B 3 -3.86 -0.08 14.85
N THR B 4 -3.60 1.07 15.44
CA THR B 4 -4.52 2.18 15.20
C THR B 4 -4.09 2.97 13.97
N PRO B 5 -5.04 3.51 13.20
CA PRO B 5 -4.66 4.15 11.94
C PRO B 5 -3.90 5.44 12.15
N LYS B 6 -2.92 5.65 11.28
CA LYS B 6 -2.35 6.97 11.06
C LYS B 6 -3.20 7.69 10.02
N ILE B 7 -3.26 9.02 10.12
CA ILE B 7 -4.20 9.81 9.33
C ILE B 7 -3.49 11.05 8.80
N GLN B 8 -3.48 11.25 7.49
CA GLN B 8 -3.01 12.49 6.88
C GLN B 8 -4.11 13.05 6.01
N VAL B 9 -4.36 14.36 6.14
CA VAL B 9 -5.35 15.09 5.34
C VAL B 9 -4.60 16.15 4.56
N TYR B 10 -4.81 16.19 3.26
CA TYR B 10 -3.97 17.03 2.40
C TYR B 10 -4.64 17.12 1.05
N SER B 11 -4.10 17.98 0.18
CA SER B 11 -4.65 18.14 -1.15
C SER B 11 -3.70 17.55 -2.20
N ARG B 12 -4.28 17.19 -3.35
CA ARG B 12 -3.46 16.62 -4.42
C ARG B 12 -2.45 17.63 -4.93
N HIS B 13 -2.86 18.88 -5.12
CA HIS B 13 -2.02 19.97 -5.57
C HIS B 13 -1.96 21.05 -4.49
N PRO B 14 -0.93 21.91 -4.51
CA PRO B 14 -0.93 23.04 -3.58
C PRO B 14 -2.24 23.81 -3.70
N ALA B 15 -2.80 24.19 -2.57
CA ALA B 15 -4.11 24.80 -2.57
C ALA B 15 -4.01 26.27 -2.94
N GLU B 16 -4.84 26.72 -3.89
CA GLU B 16 -5.16 28.14 -3.97
C GLU B 16 -6.66 28.34 -4.12
N ASN B 17 -7.17 29.33 -3.40
CA ASN B 17 -8.60 29.53 -3.25
C ASN B 17 -9.27 29.72 -4.59
N GLY B 18 -10.42 29.10 -4.77
CA GLY B 18 -11.19 29.23 -5.99
C GLY B 18 -10.78 28.34 -7.13
N LYS B 19 -9.75 27.50 -6.99
CA LYS B 19 -9.36 26.61 -8.06
C LYS B 19 -9.54 25.14 -7.67
N SER B 20 -10.01 24.35 -8.63
CA SER B 20 -10.41 22.97 -8.38
C SER B 20 -9.20 22.12 -7.99
N ASN B 21 -9.43 21.18 -7.07
CA ASN B 21 -8.37 20.41 -6.43
C ASN B 21 -8.97 19.08 -5.98
N PHE B 22 -8.16 18.27 -5.31
CA PHE B 22 -8.68 17.06 -4.69
C PHE B 22 -8.29 17.06 -3.22
N LEU B 23 -9.26 16.73 -2.35
CA LEU B 23 -9.02 16.60 -0.92
C LEU B 23 -8.79 15.13 -0.62
N ASN B 24 -7.65 14.83 0.02
CA ASN B 24 -7.21 13.47 0.30
C ASN B 24 -7.22 13.24 1.80
N CYS B 25 -7.68 12.05 2.20
CA CYS B 25 -7.49 11.55 3.54
C CYS B 25 -6.89 10.16 3.42
N TYR B 26 -5.61 10.04 3.81
CA TYR B 26 -4.85 8.80 3.74
C TYR B 26 -4.82 8.16 5.13
N VAL B 27 -5.39 6.96 5.25
CA VAL B 27 -5.37 6.22 6.49
C VAL B 27 -4.49 5.00 6.27
N SER B 28 -3.59 4.75 7.21
CA SER B 28 -2.59 3.71 6.98
C SER B 28 -2.16 3.15 8.32
N GLY B 29 -1.45 2.02 8.26
CA GLY B 29 -0.88 1.43 9.44
C GLY B 29 -1.85 0.76 10.36
N PHE B 30 -3.06 0.45 9.91
CA PHE B 30 -4.07 -0.05 10.83
C PHE B 30 -4.34 -1.54 10.60
N HIS B 31 -4.88 -2.16 11.65
CA HIS B 31 -5.25 -3.57 11.64
C HIS B 31 -6.20 -3.77 12.82
N PRO B 32 -7.36 -4.41 12.62
CA PRO B 32 -7.82 -5.03 11.37
C PRO B 32 -8.35 -4.03 10.33
N SER B 33 -8.93 -4.57 9.24
CA SER B 33 -9.16 -3.82 8.01
C SER B 33 -10.42 -2.95 8.04
N ASP B 34 -11.42 -3.29 8.84
CA ASP B 34 -12.65 -2.50 8.86
C ASP B 34 -12.35 -1.11 9.40
N ILE B 35 -12.81 -0.08 8.68
CA ILE B 35 -12.50 1.29 9.05
C ILE B 35 -13.57 2.17 8.43
N GLU B 36 -13.90 3.26 9.11
CA GLU B 36 -14.96 4.15 8.64
C GLU B 36 -14.34 5.52 8.49
N VAL B 37 -14.44 6.10 7.29
CA VAL B 37 -13.82 7.40 7.02
C VAL B 37 -14.83 8.33 6.36
N ASP B 38 -14.98 9.52 6.93
CA ASP B 38 -15.80 10.57 6.34
C ASP B 38 -14.90 11.76 6.04
N LEU B 39 -15.15 12.42 4.90
CA LEU B 39 -14.59 13.73 4.62
C LEU B 39 -15.66 14.76 4.95
N LEU B 40 -15.25 15.83 5.64
CA LEU B 40 -16.18 16.82 6.17
C LEU B 40 -15.91 18.19 5.56
N LYS B 41 -17.00 18.88 5.21
CA LYS B 41 -16.95 20.28 4.78
C LYS B 41 -17.74 21.10 5.79
N ASN B 42 -17.05 21.96 6.53
CA ASN B 42 -17.65 22.74 7.61
C ASN B 42 -18.43 21.84 8.55
N GLY B 43 -17.77 20.78 8.97
CA GLY B 43 -18.36 19.81 9.87
C GLY B 43 -19.41 18.89 9.28
N GLU B 44 -19.81 19.02 8.03
CA GLU B 44 -20.79 18.08 7.53
C GLU B 44 -20.22 17.13 6.49
N ARG B 45 -20.81 15.94 6.42
CA ARG B 45 -20.28 14.86 5.60
C ARG B 45 -20.43 15.15 4.12
N ILE B 46 -19.33 15.02 3.37
CA ILE B 46 -19.35 15.13 1.91
C ILE B 46 -19.87 13.82 1.33
N GLU B 47 -20.81 13.91 0.39
CA GLU B 47 -21.43 12.69 -0.12
C GLU B 47 -20.58 11.99 -1.18
N LYS B 48 -19.93 12.73 -2.06
CA LYS B 48 -19.27 12.09 -3.23
C LYS B 48 -17.82 11.78 -2.89
N VAL B 49 -17.61 10.71 -2.12
CA VAL B 49 -16.27 10.34 -1.65
C VAL B 49 -15.94 8.95 -2.18
N GLU B 50 -14.85 8.84 -2.93
CA GLU B 50 -14.36 7.56 -3.41
C GLU B 50 -13.14 7.13 -2.60
N HIS B 51 -12.75 5.86 -2.75
CA HIS B 51 -11.57 5.37 -2.04
C HIS B 51 -10.86 4.33 -2.89
N SER B 52 -9.57 4.15 -2.58
CA SER B 52 -8.74 3.17 -3.26
C SER B 52 -9.11 1.75 -2.81
N ASP B 53 -8.55 0.77 -3.51
CA ASP B 53 -8.76 -0.63 -3.14
C ASP B 53 -7.88 -0.98 -1.95
N LEU B 54 -8.44 -1.79 -1.05
CA LEU B 54 -7.73 -2.19 0.16
C LEU B 54 -6.43 -2.90 -0.20
N SER B 55 -5.31 -2.38 0.30
CA SER B 55 -4.04 -3.11 0.20
CA SER B 55 -3.97 -2.93 0.15
C SER B 55 -3.31 -2.94 1.52
N PHE B 56 -2.10 -3.51 1.58
CA PHE B 56 -1.41 -3.51 2.86
C PHE B 56 0.09 -3.46 2.66
N SER B 57 0.79 -3.06 3.72
CA SER B 57 2.22 -2.83 3.71
C SER B 57 2.99 -4.09 4.10
N LYS B 58 4.32 -3.96 4.11
CA LYS B 58 5.15 -5.12 4.39
C LYS B 58 4.95 -5.64 5.81
N ASP B 59 4.54 -4.78 6.74
CA ASP B 59 4.24 -5.24 8.11
C ASP B 59 2.80 -5.71 8.27
N TRP B 60 2.07 -5.88 7.16
CA TRP B 60 0.72 -6.41 7.06
C TRP B 60 -0.35 -5.37 7.44
N SER B 61 0.03 -4.16 7.82
CA SER B 61 -0.97 -3.17 8.19
C SER B 61 -1.59 -2.60 6.91
N PHE B 62 -2.85 -2.17 7.02
CA PHE B 62 -3.63 -1.76 5.86
C PHE B 62 -3.52 -0.27 5.58
N TYR B 63 -3.79 0.11 4.32
CA TYR B 63 -3.88 1.52 3.96
C TYR B 63 -4.93 1.72 2.88
N LEU B 64 -5.51 2.93 2.88
CA LEU B 64 -6.58 3.34 1.99
C LEU B 64 -6.48 4.84 1.76
N LEU B 65 -6.76 5.28 0.54
CA LEU B 65 -6.92 6.70 0.26
C LEU B 65 -8.38 7.02 -0.01
N TYR B 66 -8.96 7.92 0.78
CA TYR B 66 -10.27 8.51 0.50
C TYR B 66 -10.06 9.89 -0.11
N TYR B 67 -10.86 10.22 -1.12
CA TYR B 67 -10.61 11.46 -1.86
C TYR B 67 -11.91 11.97 -2.46
N THR B 68 -11.94 13.28 -2.67
CA THR B 68 -13.08 13.92 -3.32
C THR B 68 -12.59 15.23 -3.91
N GLU B 69 -13.27 15.68 -4.95
CA GLU B 69 -12.76 16.85 -5.63
C GLU B 69 -13.44 18.05 -4.99
N PHE B 70 -12.71 19.17 -4.86
CA PHE B 70 -13.35 20.20 -4.04
C PHE B 70 -12.73 21.48 -4.58
N THR B 71 -13.28 22.61 -4.19
CA THR B 71 -12.63 23.90 -4.52
C THR B 71 -12.41 24.67 -3.23
N PRO B 72 -11.17 24.78 -2.75
CA PRO B 72 -10.95 25.43 -1.45
C PRO B 72 -11.18 26.93 -1.55
N THR B 73 -11.61 27.50 -0.42
CA THR B 73 -11.81 28.94 -0.25
C THR B 73 -11.12 29.34 1.05
N GLU B 74 -11.12 30.63 1.37
CA GLU B 74 -10.43 30.99 2.61
C GLU B 74 -11.27 30.64 3.85
N LYS B 75 -12.59 30.62 3.73
CA LYS B 75 -13.44 30.40 4.90
C LYS B 75 -13.73 28.91 5.14
N ASP B 76 -13.79 28.10 4.09
CA ASP B 76 -14.33 26.76 4.23
C ASP B 76 -13.32 25.88 4.96
N GLU B 77 -13.79 25.16 5.97
CA GLU B 77 -12.96 24.25 6.73
C GLU B 77 -13.25 22.82 6.31
N TYR B 78 -12.18 22.04 6.13
CA TYR B 78 -12.30 20.66 5.70
C TYR B 78 -11.61 19.76 6.73
N ALA B 79 -12.07 18.51 6.81
CA ALA B 79 -11.49 17.60 7.78
C ALA B 79 -11.77 16.17 7.36
N CYS B 80 -11.08 15.25 8.02
CA CYS B 80 -11.28 13.82 7.87
C CYS B 80 -11.65 13.23 9.22
N ARG B 81 -12.73 12.44 9.26
CA ARG B 81 -13.20 11.79 10.48
C ARG B 81 -13.09 10.28 10.33
N VAL B 82 -12.37 9.64 11.25
CA VAL B 82 -12.02 8.22 11.13
C VAL B 82 -12.50 7.49 12.38
N ASN B 83 -13.16 6.35 12.19
CA ASN B 83 -13.40 5.45 13.31
C ASN B 83 -12.79 4.07 12.98
N HIS B 84 -12.35 3.39 14.04
CA HIS B 84 -11.69 2.10 13.95
C HIS B 84 -11.88 1.43 15.29
N VAL B 85 -11.81 0.09 15.30
CA VAL B 85 -12.03 -0.63 16.55
C VAL B 85 -11.06 -0.14 17.64
N THR B 86 -9.86 0.31 17.24
CA THR B 86 -8.88 0.78 18.22
C THR B 86 -9.23 2.14 18.83
N LEU B 87 -10.23 2.83 18.31
CA LEU B 87 -10.53 4.20 18.72
C LEU B 87 -11.82 4.22 19.54
N SER B 88 -11.75 4.79 20.76
CA SER B 88 -12.93 4.90 21.60
CA SER B 88 -12.93 4.88 21.59
C SER B 88 -14.01 5.74 20.93
N GLN B 89 -13.60 6.81 20.26
CA GLN B 89 -14.48 7.71 19.54
C GLN B 89 -13.79 8.12 18.26
N PRO B 90 -14.54 8.58 17.26
CA PRO B 90 -13.91 8.98 15.99
C PRO B 90 -12.86 10.06 16.18
N LYS B 91 -11.73 9.91 15.48
CA LYS B 91 -10.75 10.99 15.36
C LYS B 91 -11.09 11.90 14.20
N ILE B 92 -11.02 13.20 14.44
CA ILE B 92 -11.20 14.21 13.42
C ILE B 92 -9.86 14.90 13.22
N VAL B 93 -9.32 14.84 12.00
CA VAL B 93 -8.08 15.54 11.68
C VAL B 93 -8.44 16.64 10.70
N LYS B 94 -8.09 17.89 11.04
CA LYS B 94 -8.44 19.03 10.22
C LYS B 94 -7.44 19.20 9.08
N TRP B 95 -7.94 19.64 7.92
CA TRP B 95 -7.07 19.91 6.79
C TRP B 95 -6.30 21.20 7.03
N ASP B 96 -4.99 21.11 7.02
CA ASP B 96 -4.10 22.25 7.16
C ASP B 96 -3.34 22.36 5.84
N ARG B 97 -3.60 23.44 5.09
CA ARG B 97 -2.91 23.74 3.81
C ARG B 97 -1.42 23.49 3.83
N ASP B 98 -0.82 23.67 5.00
CA ASP B 98 0.61 23.75 5.17
C ASP B 98 1.24 22.42 5.53
N MET B 99 0.45 21.33 5.54
CA MET B 99 0.97 20.04 5.96
C MET B 99 0.48 18.85 5.10
N THR C 1 0.07 -11.71 -14.21
CA THR C 1 -0.89 -12.79 -14.11
C THR C 1 -0.73 -13.52 -12.78
N SER C 2 -1.85 -13.76 -12.09
CA SER C 2 -1.79 -14.37 -10.77
C SER C 2 -1.38 -15.83 -10.85
N ASN C 3 -0.90 -16.35 -9.73
CA ASN C 3 -0.51 -17.76 -9.68
C ASN C 3 -1.75 -18.63 -9.59
N LEU C 4 -1.79 -19.70 -10.39
CA LEU C 4 -2.92 -20.63 -10.34
C LEU C 4 -3.10 -21.20 -8.95
N GLN C 5 -4.32 -21.08 -8.43
CA GLN C 5 -4.71 -21.64 -7.15
C GLN C 5 -4.72 -23.15 -7.24
N GLU C 6 -3.81 -23.80 -6.54
CA GLU C 6 -3.71 -25.24 -6.51
C GLU C 6 -4.53 -25.86 -5.40
N GLN C 7 -4.90 -25.08 -4.40
CA GLN C 7 -5.89 -25.45 -3.37
C GLN C 7 -5.58 -26.80 -2.73
N ILE C 8 -4.33 -26.91 -2.24
CA ILE C 8 -4.02 -27.68 -1.04
C ILE C 8 -4.47 -26.95 0.23
N GLY C 9 -4.20 -25.66 0.34
CA GLY C 9 -4.65 -24.93 1.50
C GLY C 9 -3.86 -25.26 2.77
N TRP C 10 -4.30 -24.65 3.87
CA TRP C 10 -3.51 -24.65 5.10
C TRP C 10 -3.58 -25.98 5.82
C1 PEG D . 10.74 3.00 -11.51
O1 PEG D . 9.60 2.32 -11.05
C2 PEG D . 10.36 3.99 -12.63
O2 PEG D . 11.39 3.97 -13.58
C3 PEG D . 11.62 2.69 -14.11
C4 PEG D . 12.72 2.66 -15.18
O4 PEG D . 12.76 1.39 -15.79
C ACT E . -16.61 -15.27 -5.08
O ACT E . -17.21 -14.28 -5.59
OXT ACT E . -17.08 -16.28 -4.46
CH3 ACT E . -15.11 -15.20 -5.26
C ACT F . -7.33 -11.28 16.81
O ACT F . -6.61 -10.24 16.94
OXT ACT F . -7.16 -12.43 17.31
CH3 ACT F . -8.59 -11.14 15.90
#